data_5C2O
#
_entry.id   5C2O
#
_cell.length_a   112.455
_cell.length_b   112.455
_cell.length_c   112.455
_cell.angle_alpha   90.00
_cell.angle_beta   90.00
_cell.angle_gamma   90.00
#
_symmetry.space_group_name_H-M   'P 21 3'
#
loop_
_entity.id
_entity.type
_entity.pdbx_description
1 polymer 'Putative deoxycytidylate deaminase'
2 non-polymer 'ZINC ION'
3 non-polymer 'MAGNESIUM ION'
4 non-polymer "THYMIDINE-5'-TRIPHOSPHATE"
5 water water
#
_entity_poly.entity_id   1
_entity_poly.type   'polypeptide(L)'
_entity_poly.pdbx_seq_one_letter_code
;MGSSHHHHHHSSGLVPRGSHMASMTGGQQMGRGSMTNRLSWQDYFMANAELISKRSTCNRAYVGAVLVKNNRIIATGYNG
GVADTDNCDDVGHEMEDGHCIRTVHAEMNALIQCAKEGISANNTEIYVTHFPCINCTKALLQAGVKKITYNTAYRIHPFA
IELMTQKEVEYVQHDVPRVKLGEK
;
_entity_poly.pdbx_strand_id   A,B
#
loop_
_chem_comp.id
_chem_comp.type
_chem_comp.name
_chem_comp.formula
MG non-polymer 'MAGNESIUM ION' 'Mg 2'
TTP non-polymer THYMIDINE-5'-TRIPHOSPHATE 'C10 H17 N2 O14 P3'
ZN non-polymer 'ZINC ION' 'Zn 2'
#
# COMPACT_ATOMS: atom_id res chain seq x y z
N LEU A 39 0.09 -29.28 -16.25
CA LEU A 39 0.29 -28.13 -15.35
C LEU A 39 -0.98 -27.27 -15.10
N SER A 40 -1.57 -27.40 -13.91
CA SER A 40 -2.84 -26.69 -13.60
C SER A 40 -2.68 -25.16 -13.52
N TRP A 41 -3.79 -24.43 -13.59
CA TRP A 41 -3.75 -22.98 -13.40
C TRP A 41 -3.18 -22.65 -12.02
N GLN A 42 -3.70 -23.30 -10.99
CA GLN A 42 -3.20 -23.09 -9.62
C GLN A 42 -1.69 -23.34 -9.51
N ASP A 43 -1.21 -24.42 -10.11
CA ASP A 43 0.22 -24.73 -10.05
C ASP A 43 1.02 -23.72 -10.85
N TYR A 44 0.46 -23.26 -11.96
CA TYR A 44 1.17 -22.27 -12.78
C TYR A 44 1.42 -20.98 -12.00
N PHE A 45 0.41 -20.55 -11.26
CA PHE A 45 0.50 -19.27 -10.56
C PHE A 45 1.41 -19.41 -9.35
N MET A 46 1.27 -20.48 -8.57
CA MET A 46 2.13 -20.67 -7.42
C MET A 46 3.58 -20.83 -7.86
N ALA A 47 3.76 -21.50 -8.99
CA ALA A 47 5.08 -21.63 -9.57
C ALA A 47 5.65 -20.25 -9.86
N ASN A 48 4.81 -19.34 -10.32
CA ASN A 48 5.34 -18.06 -10.74
C ASN A 48 5.56 -17.15 -9.53
N ALA A 49 4.81 -17.37 -8.46
CA ALA A 49 5.08 -16.72 -7.19
C ALA A 49 6.48 -17.06 -6.68
N GLU A 50 6.78 -18.35 -6.63
CA GLU A 50 8.09 -18.85 -6.22
C GLU A 50 9.18 -18.23 -7.07
N LEU A 51 8.98 -18.31 -8.37
CA LEU A 51 9.91 -17.77 -9.34
C LEU A 51 10.20 -16.26 -9.13
N ILE A 52 9.17 -15.44 -8.94
CA ILE A 52 9.43 -14.01 -8.81
C ILE A 52 10.04 -13.71 -7.43
N SER A 53 9.71 -14.54 -6.44
CA SER A 53 10.26 -14.39 -5.09
C SER A 53 11.78 -14.38 -5.09
N LYS A 54 12.37 -15.11 -6.04
CA LYS A 54 13.82 -15.21 -6.17
C LYS A 54 14.49 -13.90 -6.55
N ARG A 55 13.71 -12.89 -6.94
CA ARG A 55 14.34 -11.65 -7.36
C ARG A 55 14.48 -10.72 -6.16
N SER A 56 14.01 -11.18 -5.00
CA SER A 56 14.10 -10.38 -3.78
C SER A 56 15.53 -9.89 -3.53
N THR A 57 15.65 -8.63 -3.14
CA THR A 57 16.94 -7.99 -2.93
C THR A 57 17.21 -7.70 -1.46
N CYS A 58 16.47 -8.36 -0.59
CA CYS A 58 16.78 -8.37 0.83
C CYS A 58 16.87 -9.83 1.29
N ASN A 59 18.06 -10.26 1.68
CA ASN A 59 18.30 -11.68 1.98
C ASN A 59 17.67 -12.17 3.28
N ARG A 60 16.88 -11.33 3.94
CA ARG A 60 16.17 -11.76 5.14
C ARG A 60 14.78 -12.33 4.82
N ALA A 61 14.33 -12.19 3.57
CA ALA A 61 13.01 -12.68 3.18
C ALA A 61 12.84 -12.74 1.65
N TYR A 62 12.59 -13.94 1.14
CA TYR A 62 12.36 -14.13 -0.29
C TYR A 62 10.88 -14.34 -0.47
N VAL A 63 10.17 -13.30 -0.89
CA VAL A 63 8.71 -13.37 -1.04
C VAL A 63 8.26 -12.98 -2.46
N GLY A 64 7.25 -13.68 -2.95
CA GLY A 64 6.74 -13.44 -4.29
C GLY A 64 5.22 -13.35 -4.28
N ALA A 65 4.67 -12.45 -5.08
CA ALA A 65 3.23 -12.29 -5.20
C ALA A 65 2.79 -12.16 -6.66
N VAL A 66 1.69 -12.82 -6.98
CA VAL A 66 1.12 -12.85 -8.31
C VAL A 66 -0.37 -12.52 -8.25
N LEU A 67 -0.75 -11.38 -8.86
CA LEU A 67 -2.16 -10.96 -8.95
C LEU A 67 -2.80 -11.48 -10.23
N VAL A 68 -3.99 -12.04 -10.11
CA VAL A 68 -4.57 -12.76 -11.22
C VAL A 68 -6.03 -12.37 -11.41
N LYS A 69 -6.39 -12.11 -12.67
CA LYS A 69 -7.78 -11.85 -13.05
C LYS A 69 -8.14 -12.72 -14.25
N ASN A 70 -9.17 -13.55 -14.10
CA ASN A 70 -9.57 -14.49 -15.15
C ASN A 70 -8.40 -15.33 -15.69
N ASN A 71 -7.64 -15.93 -14.78
CA ASN A 71 -6.45 -16.72 -15.13
C ASN A 71 -5.40 -16.02 -15.97
N ARG A 72 -5.32 -14.69 -15.86
CA ARG A 72 -4.19 -13.94 -16.42
C ARG A 72 -3.43 -13.25 -15.30
N ILE A 73 -2.10 -13.29 -15.38
CA ILE A 73 -1.28 -12.51 -14.48
C ILE A 73 -1.37 -11.05 -14.84
N ILE A 74 -1.85 -10.20 -13.94
CA ILE A 74 -1.93 -8.79 -14.27
C ILE A 74 -0.83 -7.97 -13.60
N ALA A 75 -0.25 -8.49 -12.52
CA ALA A 75 0.83 -7.83 -11.80
C ALA A 75 1.59 -8.80 -10.91
N THR A 76 2.87 -8.53 -10.68
CA THR A 76 3.64 -9.32 -9.72
C THR A 76 4.47 -8.42 -8.81
N GLY A 77 4.79 -8.95 -7.63
CA GLY A 77 5.66 -8.25 -6.72
C GLY A 77 6.70 -9.18 -6.13
N TYR A 78 7.84 -8.62 -5.77
CA TYR A 78 8.78 -9.36 -4.93
C TYR A 78 9.24 -8.44 -3.83
N ASN A 79 10.06 -8.96 -2.93
CA ASN A 79 10.49 -8.18 -1.77
C ASN A 79 11.67 -7.33 -2.17
N GLY A 80 11.47 -6.01 -2.25
CA GLY A 80 12.49 -5.14 -2.80
C GLY A 80 12.38 -3.69 -2.37
N GLY A 81 13.46 -2.95 -2.51
CA GLY A 81 13.44 -1.56 -2.09
C GLY A 81 12.72 -0.75 -3.16
N VAL A 82 12.37 0.49 -2.83
CA VAL A 82 11.81 1.42 -3.81
C VAL A 82 12.65 1.45 -5.08
N ALA A 83 11.98 1.40 -6.23
CA ALA A 83 12.65 1.39 -7.53
C ALA A 83 13.63 2.56 -7.68
N ASP A 84 14.79 2.27 -8.27
CA ASP A 84 15.86 3.26 -8.50
C ASP A 84 16.39 3.89 -7.20
N THR A 85 16.38 3.11 -6.12
CA THR A 85 17.07 3.49 -4.90
C THR A 85 17.94 2.29 -4.51
N ASP A 86 18.64 2.40 -3.39
CA ASP A 86 19.53 1.34 -2.93
C ASP A 86 18.79 0.10 -2.48
N ASN A 87 19.33 -1.07 -2.81
CA ASN A 87 18.82 -2.33 -2.30
C ASN A 87 19.74 -2.88 -1.21
N CYS A 88 19.20 -3.69 -0.31
CA CYS A 88 20.00 -4.28 0.76
C CYS A 88 21.19 -5.08 0.24
N ASP A 89 20.99 -5.82 -0.85
CA ASP A 89 22.04 -6.60 -1.50
C ASP A 89 23.30 -5.77 -1.74
N ASP A 90 23.13 -4.47 -1.94
CA ASP A 90 24.21 -3.59 -2.34
C ASP A 90 24.75 -2.74 -1.18
N VAL A 91 23.88 -2.22 -0.32
CA VAL A 91 24.29 -1.25 0.69
C VAL A 91 23.98 -1.69 2.12
N GLY A 92 23.54 -2.94 2.28
CA GLY A 92 23.17 -3.44 3.58
C GLY A 92 21.70 -3.17 3.91
N HIS A 93 21.22 -3.78 4.99
CA HIS A 93 19.85 -3.60 5.41
C HIS A 93 19.67 -2.25 6.09
N GLU A 94 18.41 -1.82 6.18
CA GLU A 94 18.06 -0.65 6.97
C GLU A 94 17.36 -1.16 8.22
N MET A 95 18.13 -1.43 9.26
CA MET A 95 17.57 -2.07 10.45
C MET A 95 16.91 -1.07 11.37
N GLU A 96 15.78 -1.48 11.94
CA GLU A 96 15.10 -0.67 12.94
C GLU A 96 14.21 -1.55 13.81
N ASP A 97 14.43 -1.46 15.12
CA ASP A 97 13.75 -2.26 16.14
C ASP A 97 13.83 -3.73 15.81
N GLY A 98 14.98 -4.13 15.28
CA GLY A 98 15.20 -5.50 14.92
C GLY A 98 14.66 -5.99 13.59
N HIS A 99 14.05 -5.15 12.75
CA HIS A 99 13.77 -5.72 11.43
C HIS A 99 14.15 -4.72 10.37
N CYS A 100 14.31 -5.22 9.15
CA CYS A 100 14.70 -4.39 8.03
C CYS A 100 13.47 -3.67 7.51
N ILE A 101 13.59 -2.36 7.29
CA ILE A 101 12.45 -1.59 6.81
C ILE A 101 12.71 -1.04 5.41
N ARG A 102 13.77 -1.51 4.76
CA ARG A 102 14.10 -0.96 3.46
C ARG A 102 13.07 -1.31 2.39
N THR A 103 12.52 -2.52 2.43
CA THR A 103 11.73 -3.01 1.29
C THR A 103 10.25 -2.73 1.37
N VAL A 104 9.65 -2.67 0.20
CA VAL A 104 8.22 -2.80 0.03
C VAL A 104 7.92 -4.29 -0.06
N HIS A 105 6.92 -4.77 0.67
CA HIS A 105 6.62 -6.21 0.64
C HIS A 105 6.12 -6.64 -0.72
N ALA A 106 6.27 -7.92 -1.03
CA ALA A 106 5.94 -8.44 -2.35
C ALA A 106 4.48 -8.17 -2.70
N GLU A 107 3.59 -8.37 -1.73
CA GLU A 107 2.17 -8.23 -1.96
C GLU A 107 1.81 -6.79 -2.20
N MET A 108 2.37 -5.89 -1.37
CA MET A 108 2.19 -4.46 -1.58
C MET A 108 2.77 -4.01 -2.94
N ASN A 109 3.94 -4.52 -3.30
CA ASN A 109 4.52 -4.19 -4.59
C ASN A 109 3.60 -4.58 -5.74
N ALA A 110 2.95 -5.73 -5.65
CA ALA A 110 2.06 -6.14 -6.71
C ALA A 110 0.94 -5.09 -6.85
N LEU A 111 0.35 -4.69 -5.73
CA LEU A 111 -0.70 -3.66 -5.70
C LEU A 111 -0.23 -2.31 -6.24
N ILE A 112 0.99 -1.91 -5.88
CA ILE A 112 1.53 -0.65 -6.34
C ILE A 112 1.80 -0.68 -7.85
N GLN A 113 2.21 -1.82 -8.38
CA GLN A 113 2.29 -1.97 -9.84
C GLN A 113 0.93 -1.60 -10.47
N CYS A 114 -0.17 -2.11 -9.90
CA CYS A 114 -1.49 -1.81 -10.43
C CYS A 114 -1.79 -0.30 -10.37
N ALA A 115 -1.41 0.33 -9.26
CA ALA A 115 -1.67 1.74 -9.04
C ALA A 115 -0.85 2.61 -9.97
N LYS A 116 0.43 2.27 -10.08
CA LYS A 116 1.36 3.01 -10.93
C LYS A 116 0.95 2.98 -12.41
N GLU A 117 0.58 1.80 -12.87
CA GLU A 117 0.29 1.57 -14.27
C GLU A 117 -1.18 1.77 -14.59
N GLY A 118 -1.99 2.02 -13.58
CA GLY A 118 -3.43 2.13 -13.79
C GLY A 118 -4.03 0.85 -14.33
N ILE A 119 -3.71 -0.26 -13.66
CA ILE A 119 -4.29 -1.57 -13.93
C ILE A 119 -5.24 -1.94 -12.78
N SER A 120 -6.47 -2.33 -13.09
CA SER A 120 -7.46 -2.57 -12.05
C SER A 120 -7.21 -3.84 -11.27
N ALA A 121 -7.04 -3.72 -9.95
CA ALA A 121 -6.89 -4.89 -9.08
C ALA A 121 -8.22 -5.37 -8.51
N ASN A 122 -9.33 -4.76 -8.92
CA ASN A 122 -10.62 -5.15 -8.35
C ASN A 122 -11.07 -6.53 -8.82
N ASN A 123 -11.60 -7.32 -7.88
CA ASN A 123 -12.10 -8.67 -8.19
C ASN A 123 -11.02 -9.56 -8.78
N THR A 124 -9.81 -9.40 -8.26
CA THR A 124 -8.72 -10.30 -8.59
C THR A 124 -8.54 -11.33 -7.48
N GLU A 125 -7.61 -12.25 -7.71
CA GLU A 125 -7.14 -13.13 -6.64
C GLU A 125 -5.62 -13.01 -6.60
N ILE A 126 -5.00 -13.42 -5.49
CA ILE A 126 -3.54 -13.35 -5.42
C ILE A 126 -2.95 -14.68 -4.98
N TYR A 127 -1.77 -14.98 -5.52
CA TYR A 127 -0.95 -16.12 -5.09
C TYR A 127 0.34 -15.64 -4.44
N VAL A 128 0.55 -16.00 -3.19
CA VAL A 128 1.72 -15.53 -2.44
C VAL A 128 2.51 -16.69 -1.84
N THR A 129 3.82 -16.51 -1.75
CA THR A 129 4.66 -17.56 -1.20
C THR A 129 4.46 -17.64 0.30
N HIS A 130 4.09 -16.52 0.92
CA HIS A 130 3.86 -16.50 2.36
C HIS A 130 2.58 -15.73 2.62
N PHE A 131 1.75 -16.20 3.55
CA PHE A 131 0.54 -15.45 3.87
C PHE A 131 0.92 -14.05 4.37
N PRO A 132 0.21 -13.01 3.89
CA PRO A 132 0.56 -11.60 4.12
C PRO A 132 0.46 -11.13 5.57
N CYS A 133 1.29 -10.14 5.91
CA CYS A 133 1.16 -9.41 7.17
C CYS A 133 -0.17 -8.69 7.22
N ILE A 134 -0.53 -8.19 8.40
CA ILE A 134 -1.84 -7.62 8.58
C ILE A 134 -1.99 -6.36 7.70
N ASN A 135 -0.89 -5.62 7.54
CA ASN A 135 -0.91 -4.38 6.77
C ASN A 135 -1.20 -4.67 5.30
N CYS A 136 -0.56 -5.69 4.77
CA CYS A 136 -0.75 -6.10 3.38
C CYS A 136 -2.15 -6.65 3.16
N THR A 137 -2.64 -7.35 4.17
CA THR A 137 -3.94 -7.97 4.14
C THR A 137 -4.98 -6.90 3.98
N LYS A 138 -4.87 -5.87 4.82
CA LYS A 138 -5.77 -4.72 4.73
C LYS A 138 -5.80 -4.10 3.35
N ALA A 139 -4.61 -3.89 2.77
CA ALA A 139 -4.48 -3.22 1.48
C ALA A 139 -5.04 -4.06 0.34
N LEU A 140 -4.77 -5.36 0.37
CA LEU A 140 -5.28 -6.27 -0.65
C LEU A 140 -6.79 -6.25 -0.65
N LEU A 141 -7.35 -6.28 0.56
CA LEU A 141 -8.79 -6.32 0.73
C LEU A 141 -9.41 -5.00 0.29
N GLN A 142 -8.77 -3.89 0.65
CA GLN A 142 -9.24 -2.58 0.24
C GLN A 142 -9.20 -2.46 -1.28
N ALA A 143 -8.21 -3.09 -1.90
CA ALA A 143 -8.05 -3.05 -3.36
C ALA A 143 -9.06 -3.91 -4.13
N GLY A 144 -9.84 -4.74 -3.44
CA GLY A 144 -10.81 -5.60 -4.08
C GLY A 144 -10.34 -7.02 -4.37
N VAL A 145 -9.20 -7.42 -3.80
CA VAL A 145 -8.76 -8.80 -3.95
C VAL A 145 -9.74 -9.75 -3.24
N LYS A 146 -10.12 -10.85 -3.91
CA LYS A 146 -11.21 -11.67 -3.40
C LYS A 146 -10.74 -13.04 -2.93
N LYS A 147 -9.48 -13.35 -3.17
CA LYS A 147 -8.99 -14.64 -2.73
C LYS A 147 -7.49 -14.60 -2.55
N ILE A 148 -7.02 -15.23 -1.48
CA ILE A 148 -5.59 -15.33 -1.20
C ILE A 148 -5.18 -16.79 -1.19
N THR A 149 -4.32 -17.16 -2.14
CA THR A 149 -3.77 -18.51 -2.14
C THR A 149 -2.29 -18.41 -1.74
N TYR A 150 -1.90 -19.18 -0.73
CA TYR A 150 -0.57 -19.04 -0.15
C TYR A 150 0.13 -20.37 -0.01
N ASN A 151 1.46 -20.34 -0.08
CA ASN A 151 2.25 -21.56 0.04
C ASN A 151 2.49 -21.93 1.49
N THR A 152 3.06 -20.99 2.23
CA THR A 152 3.34 -21.18 3.64
C THR A 152 2.64 -20.09 4.41
N ALA A 153 1.82 -20.50 5.36
CA ALA A 153 1.32 -19.59 6.35
C ALA A 153 1.80 -20.13 7.64
N TYR A 154 2.01 -19.20 8.54
CA TYR A 154 2.63 -19.50 9.77
C TYR A 154 1.63 -19.32 10.94
N ARG A 155 1.24 -18.09 11.25
CA ARG A 155 0.10 -17.81 12.11
C ARG A 155 -0.71 -16.69 11.54
N ILE A 156 -1.95 -16.96 11.17
CA ILE A 156 -2.79 -15.94 10.60
C ILE A 156 -3.41 -15.13 11.72
N HIS A 157 -3.09 -13.85 11.73
CA HIS A 157 -3.65 -12.88 12.67
C HIS A 157 -5.19 -13.04 12.85
N PRO A 158 -5.68 -13.07 14.10
CA PRO A 158 -7.13 -13.08 14.31
C PRO A 158 -7.81 -11.86 13.66
N PHE A 159 -7.16 -10.71 13.65
CA PHE A 159 -7.73 -9.55 13.00
C PHE A 159 -7.87 -9.77 11.49
N ALA A 160 -6.90 -10.45 10.89
CA ALA A 160 -6.96 -10.80 9.47
C ALA A 160 -8.12 -11.77 9.17
N ILE A 161 -8.33 -12.75 10.04
CA ILE A 161 -9.46 -13.68 9.90
C ILE A 161 -10.79 -12.91 9.97
N GLU A 162 -10.88 -11.94 10.86
CA GLU A 162 -12.08 -11.11 10.98
C GLU A 162 -12.34 -10.32 9.68
N LEU A 163 -11.31 -9.63 9.19
CA LEU A 163 -11.42 -8.85 7.95
C LEU A 163 -11.81 -9.74 6.76
N MET A 164 -11.10 -10.84 6.57
CA MET A 164 -11.41 -11.77 5.49
C MET A 164 -12.83 -12.31 5.60
N THR A 165 -13.29 -12.55 6.82
CA THR A 165 -14.68 -13.02 7.02
C THR A 165 -15.66 -11.94 6.56
N GLN A 166 -15.42 -10.71 6.99
CA GLN A 166 -16.31 -9.60 6.61
C GLN A 166 -16.27 -9.27 5.12
N LYS A 167 -15.13 -9.51 4.47
CA LYS A 167 -15.02 -9.20 3.05
C LYS A 167 -15.35 -10.44 2.23
N GLU A 168 -15.70 -11.52 2.91
CA GLU A 168 -15.96 -12.81 2.27
C GLU A 168 -14.82 -13.21 1.34
N VAL A 169 -13.60 -13.11 1.83
CA VAL A 169 -12.41 -13.46 1.07
C VAL A 169 -11.92 -14.86 1.44
N GLU A 170 -11.81 -15.73 0.44
CA GLU A 170 -11.33 -17.09 0.70
C GLU A 170 -9.82 -17.11 0.82
N TYR A 171 -9.31 -17.92 1.73
CA TYR A 171 -7.88 -18.16 1.81
C TYR A 171 -7.61 -19.65 1.83
N VAL A 172 -6.62 -20.08 1.05
CA VAL A 172 -6.36 -21.49 0.81
C VAL A 172 -4.87 -21.75 0.61
N GLN A 173 -4.37 -22.82 1.25
CA GLN A 173 -2.99 -23.24 1.09
C GLN A 173 -2.86 -24.05 -0.21
N HIS A 174 -1.78 -23.82 -0.94
CA HIS A 174 -1.46 -24.60 -2.13
C HIS A 174 0.06 -24.65 -2.20
N ASP A 175 0.61 -25.80 -2.57
CA ASP A 175 2.06 -25.95 -2.64
C ASP A 175 2.62 -25.49 -3.97
N VAL A 176 3.88 -25.08 -3.94
CA VAL A 176 4.64 -24.87 -5.15
C VAL A 176 4.81 -26.23 -5.81
N PRO A 177 4.34 -26.37 -7.05
CA PRO A 177 4.52 -27.63 -7.76
C PRO A 177 6.00 -27.96 -8.01
N ARG A 178 6.30 -29.23 -8.26
CA ARG A 178 7.65 -29.62 -8.65
C ARG A 178 7.79 -29.42 -10.15
N VAL A 179 8.64 -28.49 -10.54
CA VAL A 179 8.90 -28.31 -11.96
C VAL A 179 10.39 -28.05 -12.14
N LYS A 180 10.92 -28.61 -13.23
CA LYS A 180 12.29 -28.36 -13.62
C LYS A 180 12.27 -27.70 -14.98
N LEU A 181 12.92 -26.56 -15.11
CA LEU A 181 12.98 -25.87 -16.38
C LEU A 181 14.36 -25.94 -16.98
N GLY A 182 14.44 -25.73 -18.29
CA GLY A 182 15.70 -25.84 -19.00
C GLY A 182 15.73 -27.07 -19.88
N LEU B 39 -8.39 32.08 -5.48
CA LEU B 39 -8.15 30.73 -4.93
C LEU B 39 -7.09 29.91 -5.71
N SER B 40 -5.85 29.91 -5.23
CA SER B 40 -4.76 29.24 -5.93
C SER B 40 -4.92 27.70 -5.97
N TRP B 41 -4.34 27.09 -7.01
CA TRP B 41 -4.36 25.64 -7.14
C TRP B 41 -3.81 24.92 -5.90
N GLN B 42 -2.63 25.33 -5.44
CA GLN B 42 -2.06 24.79 -4.20
C GLN B 42 -3.08 24.82 -3.07
N ASP B 43 -3.73 25.96 -2.90
CA ASP B 43 -4.69 26.18 -1.82
C ASP B 43 -5.94 25.33 -1.99
N TYR B 44 -6.39 25.20 -3.22
CA TYR B 44 -7.55 24.39 -3.52
C TYR B 44 -7.28 22.92 -3.12
N PHE B 45 -6.12 22.39 -3.52
CA PHE B 45 -5.82 21.00 -3.20
C PHE B 45 -5.67 20.78 -1.70
N MET B 46 -5.01 21.70 -0.99
CA MET B 46 -4.90 21.53 0.47
C MET B 46 -6.26 21.67 1.14
N ALA B 47 -7.08 22.58 0.63
CA ALA B 47 -8.44 22.72 1.10
C ALA B 47 -9.17 21.39 0.98
N ASN B 48 -8.91 20.71 -0.12
CA ASN B 48 -9.53 19.42 -0.35
C ASN B 48 -9.02 18.33 0.57
N ALA B 49 -7.72 18.31 0.82
CA ALA B 49 -7.12 17.37 1.75
C ALA B 49 -7.77 17.49 3.12
N GLU B 50 -7.89 18.74 3.57
CA GLU B 50 -8.47 19.06 4.86
C GLU B 50 -9.90 18.57 4.94
N LEU B 51 -10.64 18.83 3.87
CA LEU B 51 -12.04 18.49 3.77
C LEU B 51 -12.29 16.97 3.81
N ILE B 52 -11.49 16.20 3.08
CA ILE B 52 -11.72 14.76 3.03
C ILE B 52 -11.21 14.11 4.34
N SER B 53 -10.26 14.75 5.01
CA SER B 53 -9.81 14.28 6.32
C SER B 53 -10.96 14.23 7.32
N LYS B 54 -11.98 15.04 7.08
CA LYS B 54 -13.13 15.13 7.96
C LYS B 54 -13.99 13.88 7.93
N ARG B 55 -13.70 12.97 6.99
CA ARG B 55 -14.48 11.75 6.92
C ARG B 55 -13.80 10.62 7.70
N SER B 56 -12.61 10.88 8.24
CA SER B 56 -11.86 9.89 9.01
C SER B 56 -12.70 9.23 10.07
N THR B 57 -12.67 7.90 10.11
CA THR B 57 -13.53 7.15 11.01
C THR B 57 -12.78 6.52 12.19
N CYS B 58 -11.54 6.93 12.39
CA CYS B 58 -10.83 6.60 13.62
C CYS B 58 -10.36 7.89 14.30
N ASN B 59 -10.99 8.25 15.41
CA ASN B 59 -10.76 9.56 16.03
C ASN B 59 -9.33 9.79 16.53
N ARG B 60 -8.47 8.80 16.43
CA ARG B 60 -7.08 8.98 16.85
C ARG B 60 -6.22 9.65 15.76
N ALA B 61 -6.83 9.90 14.60
CA ALA B 61 -6.12 10.55 13.49
C ALA B 61 -7.07 10.99 12.38
N TYR B 62 -7.22 12.30 12.20
CA TYR B 62 -7.95 12.83 11.07
C TYR B 62 -6.94 13.25 10.00
N VAL B 63 -6.84 12.42 8.96
CA VAL B 63 -5.84 12.61 7.90
C VAL B 63 -6.54 12.55 6.56
N GLY B 64 -6.15 13.43 5.64
CA GLY B 64 -6.74 13.48 4.31
C GLY B 64 -5.65 13.56 3.28
N ALA B 65 -5.90 13.01 2.09
CA ALA B 65 -4.90 12.96 1.02
C ALA B 65 -5.55 13.08 -0.33
N VAL B 66 -4.89 13.80 -1.23
CA VAL B 66 -5.42 14.06 -2.56
C VAL B 66 -4.32 13.85 -3.60
N LEU B 67 -4.54 12.92 -4.54
CA LEU B 67 -3.61 12.68 -5.64
C LEU B 67 -4.00 13.54 -6.84
N VAL B 68 -3.02 14.22 -7.41
CA VAL B 68 -3.26 15.23 -8.43
C VAL B 68 -2.34 15.03 -9.61
N LYS B 69 -2.92 15.14 -10.80
CA LYS B 69 -2.18 15.08 -12.05
C LYS B 69 -2.65 16.23 -12.91
N ASN B 70 -1.74 17.13 -13.29
CA ASN B 70 -2.06 18.30 -14.11
C ASN B 70 -3.27 19.08 -13.56
N ASN B 71 -3.20 19.40 -12.28
CA ASN B 71 -4.26 20.15 -11.60
C ASN B 71 -5.64 19.48 -11.61
N ARG B 72 -5.69 18.17 -11.83
CA ARG B 72 -6.93 17.41 -11.62
C ARG B 72 -6.79 16.45 -10.44
N ILE B 73 -7.84 16.39 -9.61
CA ILE B 73 -7.98 15.34 -8.61
C ILE B 73 -8.24 13.99 -9.27
N ILE B 74 -7.36 13.02 -9.07
CA ILE B 74 -7.62 11.72 -9.66
C ILE B 74 -7.97 10.67 -8.61
N ALA B 75 -7.67 10.93 -7.34
CA ALA B 75 -8.01 10.02 -6.24
C ALA B 75 -7.84 10.70 -4.89
N THR B 76 -8.64 10.30 -3.92
CA THR B 76 -8.46 10.84 -2.58
C THR B 76 -8.56 9.76 -1.54
N GLY B 77 -7.99 10.02 -0.39
CA GLY B 77 -8.10 9.10 0.72
C GLY B 77 -8.29 9.76 2.07
N TYR B 78 -8.88 9.03 2.99
CA TYR B 78 -8.90 9.46 4.38
C TYR B 78 -8.60 8.25 5.27
N ASN B 79 -8.51 8.49 6.57
CA ASN B 79 -8.15 7.45 7.54
C ASN B 79 -9.39 6.66 7.97
N GLY B 80 -9.46 5.40 7.55
CA GLY B 80 -10.63 4.58 7.82
C GLY B 80 -10.34 3.10 7.59
N GLY B 81 -11.23 2.24 8.08
CA GLY B 81 -11.04 0.81 7.93
C GLY B 81 -11.35 0.32 6.52
N VAL B 82 -11.09 -0.96 6.26
CA VAL B 82 -11.39 -1.56 4.97
C VAL B 82 -12.87 -1.31 4.61
N ALA B 83 -13.11 -0.91 3.37
CA ALA B 83 -14.47 -0.68 2.90
C ALA B 83 -15.36 -1.88 3.24
N ASP B 84 -16.54 -1.58 3.78
CA ASP B 84 -17.56 -2.56 4.16
C ASP B 84 -17.17 -3.42 5.36
N THR B 85 -16.16 -2.99 6.13
CA THR B 85 -15.86 -3.61 7.41
C THR B 85 -16.13 -2.61 8.53
N ASP B 86 -15.92 -3.01 9.77
CA ASP B 86 -16.21 -2.15 10.90
C ASP B 86 -15.29 -0.93 10.95
N ASN B 87 -15.85 0.17 11.43
CA ASN B 87 -15.09 1.38 11.71
C ASN B 87 -14.97 1.68 13.21
N CYS B 88 -13.79 2.17 13.61
CA CYS B 88 -13.54 2.56 15.00
C CYS B 88 -14.64 3.38 15.65
N ASP B 89 -15.25 4.29 14.88
CA ASP B 89 -16.36 5.13 15.37
C ASP B 89 -17.49 4.29 15.95
N ASP B 90 -17.67 3.09 15.43
CA ASP B 90 -18.84 2.29 15.76
C ASP B 90 -18.55 1.15 16.73
N VAL B 91 -17.39 0.51 16.59
CA VAL B 91 -17.11 -0.69 17.36
C VAL B 91 -15.86 -0.54 18.24
N GLY B 92 -15.21 0.62 18.17
CA GLY B 92 -14.00 0.85 18.94
C GLY B 92 -12.73 0.55 18.18
N HIS B 93 -11.60 0.99 18.73
CA HIS B 93 -10.32 0.80 18.08
C HIS B 93 -9.90 -0.66 18.10
N GLU B 94 -8.98 -1.01 17.19
CA GLU B 94 -8.33 -2.31 17.19
C GLU B 94 -6.92 -2.10 17.72
N MET B 95 -6.77 -2.25 19.03
CA MET B 95 -5.51 -1.92 19.67
C MET B 95 -4.49 -3.05 19.59
N GLU B 96 -3.25 -2.68 19.30
CA GLU B 96 -2.13 -3.60 19.35
C GLU B 96 -0.85 -2.80 19.46
N ASP B 97 -0.10 -3.05 20.54
CA ASP B 97 1.15 -2.33 20.82
C ASP B 97 0.84 -0.85 21.11
N GLY B 98 -0.24 -0.60 21.84
CA GLY B 98 -0.66 0.76 22.14
C GLY B 98 -1.12 1.60 20.96
N HIS B 99 -1.11 1.01 19.77
CA HIS B 99 -1.55 1.68 18.54
C HIS B 99 -2.86 1.10 18.03
N CYS B 100 -3.66 1.94 17.38
CA CYS B 100 -4.77 1.42 16.62
C CYS B 100 -4.30 0.95 15.24
N ILE B 101 -4.69 -0.26 14.85
CA ILE B 101 -4.27 -0.82 13.56
C ILE B 101 -5.46 -1.16 12.64
N ARG B 102 -6.63 -0.63 12.95
CA ARG B 102 -7.78 -0.96 12.13
C ARG B 102 -7.74 -0.30 10.74
N THR B 103 -7.28 0.95 10.67
CA THR B 103 -7.41 1.72 9.44
C THR B 103 -6.32 1.52 8.42
N VAL B 104 -6.69 1.76 7.16
CA VAL B 104 -5.73 2.05 6.11
C VAL B 104 -5.46 3.55 6.17
N HIS B 105 -4.20 3.96 6.14
CA HIS B 105 -3.87 5.38 6.15
C HIS B 105 -4.43 6.12 4.93
N ALA B 106 -4.62 7.43 5.07
CA ALA B 106 -5.20 8.26 4.01
C ALA B 106 -4.38 8.18 2.73
N GLU B 107 -3.06 8.28 2.88
CA GLU B 107 -2.18 8.28 1.71
C GLU B 107 -2.26 6.92 0.99
N MET B 108 -2.21 5.84 1.77
CA MET B 108 -2.29 4.49 1.22
C MET B 108 -3.68 4.27 0.59
N ASN B 109 -4.72 4.81 1.21
CA ASN B 109 -6.05 4.69 0.64
C ASN B 109 -6.17 5.35 -0.73
N ALA B 110 -5.49 6.48 -0.91
CA ALA B 110 -5.50 7.16 -2.20
C ALA B 110 -4.82 6.27 -3.26
N LEU B 111 -3.71 5.65 -2.91
CA LEU B 111 -3.01 4.75 -3.84
C LEU B 111 -3.87 3.52 -4.15
N ILE B 112 -4.56 3.02 -3.13
CA ILE B 112 -5.35 1.81 -3.29
C ILE B 112 -6.59 2.09 -4.12
N GLN B 113 -7.12 3.32 -4.06
CA GLN B 113 -8.19 3.69 -4.98
C GLN B 113 -7.69 3.56 -6.43
N CYS B 114 -6.49 4.06 -6.69
CA CYS B 114 -5.93 3.95 -8.02
C CYS B 114 -5.77 2.50 -8.42
N ALA B 115 -5.31 1.67 -7.50
CA ALA B 115 -5.10 0.24 -7.78
C ALA B 115 -6.44 -0.42 -8.06
N LYS B 116 -7.42 -0.12 -7.21
CA LYS B 116 -8.73 -0.74 -7.32
C LYS B 116 -9.43 -0.38 -8.62
N GLU B 117 -9.39 0.90 -8.98
CA GLU B 117 -10.15 1.41 -10.12
C GLU B 117 -9.34 1.37 -11.40
N GLY B 118 -8.04 1.09 -11.30
CA GLY B 118 -7.20 1.07 -12.47
C GLY B 118 -6.99 2.48 -13.02
N ILE B 119 -6.69 3.41 -12.12
CA ILE B 119 -6.31 4.77 -12.47
C ILE B 119 -4.81 4.94 -12.23
N SER B 120 -4.08 5.50 -13.19
CA SER B 120 -2.63 5.58 -13.01
C SER B 120 -2.18 6.65 -12.01
N ALA B 121 -1.37 6.23 -11.02
CA ALA B 121 -0.79 7.15 -10.04
C ALA B 121 0.57 7.63 -10.49
N ASN B 122 1.07 7.12 -11.60
CA ASN B 122 2.40 7.52 -12.06
C ASN B 122 2.41 8.99 -12.45
N ASN B 123 3.46 9.68 -12.03
CA ASN B 123 3.70 11.09 -12.34
C ASN B 123 2.66 12.02 -11.75
N THR B 124 2.03 11.57 -10.66
CA THR B 124 1.14 12.41 -9.89
C THR B 124 1.92 13.15 -8.81
N GLU B 125 1.20 14.01 -8.09
CA GLU B 125 1.72 14.65 -6.89
C GLU B 125 0.66 14.49 -5.82
N ILE B 126 1.05 14.55 -4.56
CA ILE B 126 0.04 14.36 -3.51
C ILE B 126 -0.01 15.56 -2.56
N TYR B 127 -1.21 15.85 -2.07
CA TYR B 127 -1.45 16.84 -1.03
C TYR B 127 -1.97 16.14 0.21
N VAL B 128 -1.29 16.29 1.34
CA VAL B 128 -1.67 15.57 2.55
C VAL B 128 -1.73 16.49 3.75
N THR B 129 -2.65 16.22 4.67
CA THR B 129 -2.75 17.03 5.87
C THR B 129 -1.52 16.83 6.78
N HIS B 130 -1.04 15.60 6.87
CA HIS B 130 0.13 15.30 7.70
C HIS B 130 1.18 14.58 6.85
N PHE B 131 2.46 14.89 7.04
CA PHE B 131 3.49 14.19 6.27
C PHE B 131 3.39 12.69 6.59
N PRO B 132 3.54 11.83 5.56
CA PRO B 132 3.29 10.39 5.68
C PRO B 132 4.31 9.62 6.52
N CYS B 133 3.86 8.54 7.16
CA CYS B 133 4.77 7.57 7.80
C CYS B 133 5.68 6.93 6.77
N ILE B 134 6.70 6.20 7.23
CA ILE B 134 7.71 5.72 6.30
C ILE B 134 7.13 4.67 5.34
N ASN B 135 6.23 3.81 5.84
CA ASN B 135 5.58 2.82 4.98
C ASN B 135 4.83 3.47 3.81
N CYS B 136 4.02 4.48 4.12
CA CYS B 136 3.29 5.25 3.13
C CYS B 136 4.21 5.95 2.15
N THR B 137 5.28 6.54 2.69
CA THR B 137 6.23 7.24 1.83
C THR B 137 6.81 6.28 0.79
N LYS B 138 7.25 5.10 1.26
CA LYS B 138 7.81 4.10 0.36
C LYS B 138 6.82 3.74 -0.74
N ALA B 139 5.55 3.55 -0.36
CA ALA B 139 4.51 3.22 -1.30
C ALA B 139 4.25 4.36 -2.29
N LEU B 140 4.16 5.58 -1.79
CA LEU B 140 3.98 6.75 -2.66
C LEU B 140 5.13 6.84 -3.68
N LEU B 141 6.37 6.74 -3.23
CA LEU B 141 7.49 6.85 -4.15
C LEU B 141 7.49 5.71 -5.15
N GLN B 142 7.13 4.51 -4.70
CA GLN B 142 7.08 3.34 -5.56
C GLN B 142 5.99 3.47 -6.64
N ALA B 143 4.90 4.17 -6.32
CA ALA B 143 3.79 4.34 -7.26
C ALA B 143 4.04 5.45 -8.27
N GLY B 144 5.17 6.15 -8.12
CA GLY B 144 5.54 7.20 -9.06
C GLY B 144 5.07 8.59 -8.67
N VAL B 145 4.72 8.79 -7.40
CA VAL B 145 4.40 10.12 -6.91
C VAL B 145 5.65 11.00 -6.87
N LYS B 146 5.55 12.20 -7.42
CA LYS B 146 6.72 13.03 -7.74
C LYS B 146 6.94 14.19 -6.80
N LYS B 147 5.98 14.46 -5.93
CA LYS B 147 6.05 15.61 -5.05
C LYS B 147 5.05 15.44 -3.93
N ILE B 148 5.45 15.84 -2.73
CA ILE B 148 4.59 15.75 -1.58
C ILE B 148 4.42 17.11 -0.92
N THR B 149 3.19 17.57 -0.82
CA THR B 149 2.90 18.82 -0.15
C THR B 149 2.05 18.53 1.07
N TYR B 150 2.52 18.98 2.23
CA TYR B 150 1.88 18.63 3.48
C TYR B 150 1.56 19.86 4.32
N ASN B 151 0.55 19.75 5.17
CA ASN B 151 0.27 20.81 6.10
C ASN B 151 1.16 20.66 7.33
N THR B 152 0.76 19.82 8.27
CA THR B 152 1.58 19.59 9.44
C THR B 152 2.55 18.43 9.24
N ALA B 153 3.57 18.41 10.08
CA ALA B 153 4.51 17.32 10.13
C ALA B 153 5.13 17.33 11.50
N TYR B 154 5.33 16.13 12.04
CA TYR B 154 5.86 16.04 13.38
C TYR B 154 7.30 15.55 13.30
N ARG B 155 7.53 14.24 13.24
CA ARG B 155 8.89 13.82 12.93
C ARG B 155 8.95 13.07 11.61
N ILE B 156 9.65 13.68 10.65
CA ILE B 156 9.93 13.04 9.38
C ILE B 156 11.04 12.03 9.57
N HIS B 157 10.76 10.79 9.18
CA HIS B 157 11.76 9.73 9.19
C HIS B 157 12.97 10.10 8.33
N PRO B 158 14.19 9.97 8.89
CA PRO B 158 15.39 10.28 8.11
C PRO B 158 15.49 9.39 6.87
N PHE B 159 14.99 8.15 6.99
CA PHE B 159 15.02 7.22 5.89
C PHE B 159 14.06 7.68 4.79
N ALA B 160 12.92 8.24 5.19
CA ALA B 160 12.01 8.91 4.26
C ALA B 160 12.71 10.06 3.52
N ILE B 161 13.54 10.81 4.24
CA ILE B 161 14.28 11.89 3.61
C ILE B 161 15.35 11.35 2.67
N GLU B 162 16.00 10.26 3.06
CA GLU B 162 16.99 9.64 2.19
C GLU B 162 16.33 9.15 0.90
N LEU B 163 15.16 8.52 1.04
CA LEU B 163 14.45 7.97 -0.12
C LEU B 163 14.01 9.10 -1.04
N MET B 164 13.50 10.19 -0.46
CA MET B 164 13.02 11.31 -1.25
C MET B 164 14.17 11.97 -1.99
N THR B 165 15.34 11.99 -1.37
CA THR B 165 16.50 12.58 -2.02
C THR B 165 16.91 11.74 -3.22
N GLN B 166 17.04 10.43 -3.02
CA GLN B 166 17.38 9.51 -4.11
C GLN B 166 16.38 9.50 -5.28
N LYS B 167 15.08 9.67 -4.98
CA LYS B 167 14.08 9.66 -6.04
C LYS B 167 13.86 11.07 -6.62
N GLU B 168 14.61 12.05 -6.11
CA GLU B 168 14.50 13.44 -6.56
C GLU B 168 13.06 13.97 -6.39
N VAL B 169 12.49 13.65 -5.24
CA VAL B 169 11.12 14.02 -4.92
C VAL B 169 11.15 15.08 -3.85
N GLU B 170 10.54 16.22 -4.14
CA GLU B 170 10.54 17.32 -3.18
C GLU B 170 9.35 17.21 -2.24
N TYR B 171 9.57 17.64 -1.01
CA TYR B 171 8.49 17.74 -0.03
C TYR B 171 8.45 19.17 0.49
N VAL B 172 7.26 19.74 0.53
CA VAL B 172 7.12 21.15 0.82
C VAL B 172 5.88 21.38 1.66
N GLN B 173 6.05 22.14 2.74
CA GLN B 173 4.95 22.52 3.61
C GLN B 173 4.10 23.59 2.93
N HIS B 174 2.80 23.55 3.16
CA HIS B 174 1.89 24.59 2.72
C HIS B 174 0.69 24.54 3.66
N ASP B 175 0.20 25.71 4.07
CA ASP B 175 -0.91 25.76 5.02
C ASP B 175 -2.23 25.50 4.33
N VAL B 176 -3.20 25.07 5.13
CA VAL B 176 -4.56 25.00 4.64
C VAL B 176 -5.10 26.42 4.55
N PRO B 177 -5.66 26.81 3.40
CA PRO B 177 -6.24 28.14 3.24
C PRO B 177 -7.40 28.34 4.19
N ARG B 178 -7.62 29.58 4.61
CA ARG B 178 -8.79 29.92 5.41
C ARG B 178 -9.95 30.12 4.46
N VAL B 179 -10.90 29.19 4.47
CA VAL B 179 -12.04 29.28 3.55
C VAL B 179 -13.32 29.01 4.33
N LYS B 180 -14.39 29.68 3.93
CA LYS B 180 -15.68 29.47 4.59
C LYS B 180 -16.73 29.22 3.52
N LEU B 181 -17.51 28.15 3.70
CA LEU B 181 -18.57 27.81 2.76
C LEU B 181 -19.91 27.74 3.47
N GLY B 182 -20.98 28.01 2.75
CA GLY B 182 -22.33 27.89 3.30
C GLY B 182 -22.84 29.16 3.94
ZN ZN C . 16.99 -5.76 4.06
ZN ZN D . 3.30 -7.38 4.20
MG MG E . 16.61 -1.28 -9.17
PA TTP F . 13.48 -1.53 -10.31
O1A TTP F . 14.55 -0.94 -9.41
O2A TTP F . 13.05 -0.50 -11.34
O3A TTP F . 13.90 -2.92 -11.04
PB TTP F . 15.41 -3.44 -11.34
O1B TTP F . 16.45 -2.35 -11.05
O2B TTP F . 15.56 -3.94 -12.76
O3B TTP F . 15.56 -4.73 -10.38
PG TTP F . 16.18 -4.71 -8.88
O1G TTP F . 17.51 -5.45 -8.91
O2G TTP F . 15.22 -5.45 -7.97
O3G TTP F . 16.31 -3.30 -8.35
O5' TTP F . 12.23 -2.02 -9.41
C5' TTP F . 12.49 -2.64 -8.15
C4' TTP F . 11.26 -2.62 -7.24
O4' TTP F . 10.06 -2.69 -8.01
C3' TTP F . 11.26 -3.84 -6.36
O3' TTP F . 10.81 -3.41 -5.08
C2' TTP F . 10.20 -4.77 -6.93
C1' TTP F . 9.27 -3.84 -7.70
N1 TTP F . 8.69 -4.45 -8.91
C2 TTP F . 7.59 -5.33 -8.75
O2 TTP F . 7.15 -5.59 -7.60
N3 TTP F . 7.00 -5.91 -9.83
C4 TTP F . 7.44 -5.67 -11.08
O4 TTP F . 6.89 -6.21 -12.06
C5 TTP F . 8.60 -4.74 -11.26
C5M TTP F . 9.13 -4.44 -12.66
C6 TTP F . 9.19 -4.17 -10.13
ZN ZN G . -8.98 3.35 15.66
ZN ZN H . 1.10 6.01 6.70
MG MG I . -18.30 1.78 5.34
PA TTP J . -16.70 2.59 2.19
O1A TTP J . -16.92 1.81 3.48
O2A TTP J . -17.24 1.86 0.99
O3A TTP J . -17.33 4.09 2.28
PB TTP J . -18.59 4.52 3.21
O1B TTP J . -19.20 3.32 3.89
O2B TTP J . -19.63 5.26 2.39
O3B TTP J . -17.92 5.54 4.28
PG TTP J . -17.44 5.10 5.77
O1G TTP J . -16.09 5.74 6.00
O2G TTP J . -18.47 5.54 6.78
O3G TTP J . -17.28 3.59 5.88
O5' TTP J . -15.13 2.93 2.08
C5' TTP J . -14.44 3.37 3.27
C4' TTP J . -12.94 3.23 3.08
O4' TTP J . -12.62 3.54 1.71
C3' TTP J . -12.14 4.19 3.95
O3' TTP J . -11.00 3.50 4.45
C2' TTP J . -11.63 5.27 3.02
C1' TTP J . -11.64 4.59 1.67
N1 TTP J . -11.97 5.50 0.56
C2 TTP J . -10.98 6.41 0.16
O2 TTP J . -9.88 6.43 0.78
N3 TTP J . -11.20 7.25 -0.86
C4 TTP J . -12.37 7.26 -1.52
O4 TTP J . -12.55 8.05 -2.46
C5 TTP J . -13.44 6.31 -1.12
C5M TTP J . -14.77 6.30 -1.84
C6 TTP J . -13.17 5.45 -0.06
#